data_5F41
#
_entry.id   5F41
#
_cell.length_a   161.700
_cell.length_b   178.330
_cell.length_c   57.930
_cell.angle_alpha   90.000
_cell.angle_beta   90.000
_cell.angle_gamma   90.000
#
_symmetry.space_group_name_H-M   'C 2 2 21'
#
loop_
_entity.id
_entity.type
_entity.pdbx_description
1 polymer 'Genome polyprotein'
2 non-polymer 'ZINC ION'
3 non-polymer '2-(4-methoxy-3-thiophen-3-yl-phenyl)ethanoic acid'
4 water water
#
_entity_poly.entity_id   1
_entity_poly.type   'polypeptide(L)'
_entity_poly.pdbx_seq_one_letter_code
;GSHMLDNMDVIGERIKRIKEEHNSTWHYDDENPYKTWAYHGSYEVKATGSASSMINGVVKLLTKPWDVVPMVTQMAMTDT
TPFGQQRVFKEKVDTRTPRPLPGTRKVMEITAEWLWRTLGRNKRPRLCTREEFTKKVRTNAAMGAVFTEENQWDSAKAAV
EDEEFWKLVDRERELHKLGKCGSCVYNMMGKREKKLGEFGKAKGSRAIWYMWLGVRYLEFEALGFLNEDHWFSRENSYSG
VEGEGLHKLGYILRDISKIPGGAMYADDTAGWDTRITEDDLHNEEKIIQQMDPEHRQLANAIFKLTYQNKVVKVQRPTPT
GTVMDIISRKDQRGSGQVGTYGLNTFTNMEAQLVRQMEGEGVLTKADLENPHLLEKKITQWLETKGVERLKRMAISGDDC
VVKPIDDRFANALLALNDMGKVRKDIPQWQPSKGWHDWQQVPFCSHHFHELIMKDGRKLVVPCRPQDELIGRARISQGAG
WSLRETACLGKAYAQMWSLMYFHRRDLRLASNAICSAVPVHWVPTSRTTWSIHAHHQWMTTEDMLTVWNRVWIEENPWME
DKTPVTTWENVPYLGKREDQWCGSLIGLTSRATWAQNIPTAIQQVRSLIGNEEFLDYMPSMKRFRKEEESEGAIW
;
_entity_poly.pdbx_strand_id   A
#
# COMPACT_ATOMS: atom_id res chain seq x y z
N ASN A 7 -26.10 -16.93 -8.83
CA ASN A 7 -25.06 -15.91 -9.03
C ASN A 7 -24.43 -15.96 -10.43
N MET A 8 -24.74 -17.03 -11.20
CA MET A 8 -24.21 -17.24 -12.55
C MET A 8 -24.65 -16.18 -13.57
N ASP A 9 -25.77 -15.48 -13.31
CA ASP A 9 -26.29 -14.42 -14.17
C ASP A 9 -25.32 -13.22 -14.34
N VAL A 10 -24.42 -12.99 -13.35
CA VAL A 10 -23.46 -11.89 -13.34
C VAL A 10 -22.06 -12.35 -13.78
N ILE A 11 -21.62 -13.52 -13.31
CA ILE A 11 -20.27 -14.08 -13.54
C ILE A 11 -20.13 -15.09 -14.69
N GLY A 12 -21.26 -15.65 -15.11
CA GLY A 12 -21.37 -16.70 -16.13
C GLY A 12 -20.65 -16.47 -17.44
N GLU A 13 -20.80 -15.26 -18.03
CA GLU A 13 -20.18 -14.88 -19.30
C GLU A 13 -18.66 -14.96 -19.24
N ARG A 14 -18.07 -14.45 -18.14
CA ARG A 14 -16.62 -14.45 -17.89
C ARG A 14 -16.06 -15.86 -17.83
N ILE A 15 -16.73 -16.78 -17.08
CA ILE A 15 -16.34 -18.18 -16.93
C ILE A 15 -16.47 -18.90 -18.28
N LYS A 16 -17.59 -18.67 -19.01
CA LYS A 16 -17.86 -19.22 -20.36
C LYS A 16 -16.69 -18.91 -21.33
N ARG A 17 -16.18 -17.65 -21.33
CA ARG A 17 -15.06 -17.24 -22.17
C ARG A 17 -13.75 -17.89 -21.77
N ILE A 18 -13.53 -18.13 -20.47
CA ILE A 18 -12.31 -18.79 -19.96
C ILE A 18 -12.35 -20.27 -20.35
N LYS A 19 -13.52 -20.91 -20.11
CA LYS A 19 -13.82 -22.30 -20.40
C LYS A 19 -13.57 -22.59 -21.90
N GLU A 20 -14.18 -21.79 -22.81
CA GLU A 20 -14.06 -21.92 -24.27
C GLU A 20 -12.63 -21.70 -24.76
N GLU A 21 -11.92 -20.71 -24.18
CA GLU A 21 -10.53 -20.40 -24.52
C GLU A 21 -9.58 -21.56 -24.17
N HIS A 22 -9.86 -22.27 -23.07
CA HIS A 22 -9.05 -23.40 -22.59
C HIS A 22 -9.81 -24.74 -22.59
N ASN A 23 -10.75 -24.93 -23.56
CA ASN A 23 -11.55 -26.17 -23.69
C ASN A 23 -10.71 -27.43 -23.94
N SER A 24 -9.46 -27.25 -24.38
CA SER A 24 -8.49 -28.31 -24.64
C SER A 24 -8.10 -29.04 -23.35
N THR A 25 -8.01 -28.29 -22.22
CA THR A 25 -7.63 -28.82 -20.90
C THR A 25 -8.62 -28.53 -19.76
N TRP A 26 -9.80 -27.93 -20.05
CA TRP A 26 -10.81 -27.60 -19.03
C TRP A 26 -11.41 -28.83 -18.35
N HIS A 27 -11.43 -28.80 -17.00
CA HIS A 27 -11.93 -29.88 -16.13
C HIS A 27 -12.33 -29.37 -14.75
N TYR A 28 -13.19 -30.13 -14.07
CA TYR A 28 -13.60 -29.83 -12.70
C TYR A 28 -12.78 -30.74 -11.79
N ASP A 29 -11.75 -30.16 -11.13
CA ASP A 29 -10.88 -30.88 -10.20
C ASP A 29 -11.67 -31.12 -8.92
N ASP A 30 -11.70 -32.38 -8.46
CA ASP A 30 -12.44 -32.78 -7.26
C ASP A 30 -11.63 -32.63 -5.96
N GLU A 31 -10.29 -32.51 -6.09
CA GLU A 31 -9.34 -32.30 -4.98
C GLU A 31 -9.03 -30.79 -4.80
N ASN A 32 -9.92 -29.90 -5.33
CA ASN A 32 -9.80 -28.44 -5.20
C ASN A 32 -10.00 -28.05 -3.72
N PRO A 33 -9.18 -27.11 -3.16
CA PRO A 33 -9.24 -26.83 -1.72
C PRO A 33 -10.16 -25.70 -1.25
N TYR A 34 -10.91 -25.05 -2.15
CA TYR A 34 -11.77 -23.90 -1.85
C TYR A 34 -12.96 -24.25 -0.98
N LYS A 35 -13.09 -23.55 0.17
CA LYS A 35 -14.18 -23.79 1.13
C LYS A 35 -15.21 -22.66 1.19
N THR A 36 -14.76 -21.39 1.07
CA THR A 36 -15.63 -20.19 1.14
C THR A 36 -15.81 -19.53 -0.25
N TRP A 37 -14.92 -19.81 -1.21
CA TRP A 37 -15.02 -19.32 -2.58
C TRP A 37 -15.73 -20.38 -3.41
N ALA A 38 -16.56 -19.95 -4.38
CA ALA A 38 -17.20 -20.89 -5.30
C ALA A 38 -16.13 -21.28 -6.34
N TYR A 39 -15.92 -22.59 -6.55
CA TYR A 39 -14.92 -23.10 -7.49
C TYR A 39 -15.65 -23.51 -8.77
N HIS A 40 -15.18 -23.01 -9.94
CA HIS A 40 -15.84 -23.28 -11.22
C HIS A 40 -15.14 -24.33 -12.08
N GLY A 41 -13.82 -24.34 -12.07
CA GLY A 41 -13.03 -25.30 -12.83
C GLY A 41 -11.57 -24.93 -12.96
N SER A 42 -10.82 -25.79 -13.65
CA SER A 42 -9.39 -25.65 -13.86
C SER A 42 -8.94 -25.94 -15.30
N TYR A 43 -7.75 -25.43 -15.65
CA TYR A 43 -7.06 -25.64 -16.91
C TYR A 43 -5.55 -25.61 -16.67
N GLU A 44 -4.80 -26.37 -17.49
CA GLU A 44 -3.34 -26.48 -17.38
C GLU A 44 -2.61 -25.22 -17.80
N VAL A 45 -1.59 -24.85 -17.02
CA VAL A 45 -0.71 -23.69 -17.24
C VAL A 45 0.75 -24.06 -16.92
N LYS A 46 1.69 -23.18 -17.30
CA LYS A 46 3.11 -23.34 -16.98
C LYS A 46 3.34 -22.65 -15.63
N ALA A 47 4.26 -23.18 -14.80
CA ALA A 47 4.57 -22.63 -13.48
C ALA A 47 5.13 -21.19 -13.52
N THR A 48 4.56 -20.30 -12.69
CA THR A 48 4.94 -18.89 -12.56
C THR A 48 5.49 -18.65 -11.14
N GLY A 49 6.49 -17.77 -11.02
CA GLY A 49 7.11 -17.41 -9.76
C GLY A 49 8.35 -18.21 -9.40
N SER A 50 9.02 -17.83 -8.29
CA SER A 50 10.22 -18.49 -7.79
C SER A 50 10.19 -18.74 -6.27
N ALA A 51 10.95 -19.76 -5.80
CA ALA A 51 11.04 -20.15 -4.38
C ALA A 51 11.80 -19.11 -3.55
N SER A 52 12.81 -18.46 -4.16
CA SER A 52 13.64 -17.41 -3.56
C SER A 52 13.63 -16.15 -4.45
N SER A 53 14.33 -15.08 -4.02
CA SER A 53 14.48 -13.82 -4.75
C SER A 53 15.96 -13.63 -5.19
N MET A 54 16.19 -13.00 -6.36
CA MET A 54 17.56 -12.74 -6.84
C MET A 54 18.23 -11.66 -6.00
N ILE A 55 19.51 -11.89 -5.67
CA ILE A 55 20.31 -11.00 -4.83
C ILE A 55 21.01 -9.93 -5.65
N ASN A 56 20.96 -8.68 -5.16
CA ASN A 56 21.65 -7.55 -5.75
C ASN A 56 23.11 -7.63 -5.27
N GLY A 57 23.98 -8.11 -6.15
CA GLY A 57 25.40 -8.28 -5.84
C GLY A 57 26.13 -7.01 -5.47
N VAL A 58 25.70 -5.85 -6.02
CA VAL A 58 26.34 -4.55 -5.72
C VAL A 58 26.10 -4.18 -4.26
N VAL A 59 24.83 -4.19 -3.82
CA VAL A 59 24.44 -3.87 -2.44
C VAL A 59 25.05 -4.90 -1.49
N LYS A 60 24.96 -6.20 -1.86
CA LYS A 60 25.50 -7.31 -1.03
C LYS A 60 27.00 -7.18 -0.80
N LEU A 61 27.78 -6.88 -1.86
CA LEU A 61 29.22 -6.72 -1.71
C LEU A 61 29.58 -5.54 -0.81
N LEU A 62 28.71 -4.50 -0.76
CA LEU A 62 28.99 -3.30 0.05
C LEU A 62 28.29 -3.31 1.43
N THR A 63 27.65 -4.43 1.81
CA THR A 63 26.97 -4.57 3.12
C THR A 63 27.34 -5.92 3.76
N LYS A 64 28.65 -6.28 3.73
CA LYS A 64 29.19 -7.56 4.23
C LYS A 64 28.77 -7.89 5.68
N PRO A 65 28.77 -6.96 6.67
CA PRO A 65 28.34 -7.36 8.02
C PRO A 65 26.92 -7.92 8.13
N TRP A 66 26.05 -7.58 7.16
CA TRP A 66 24.65 -8.04 7.13
C TRP A 66 24.49 -9.37 6.41
N ASP A 67 25.62 -9.96 5.94
CA ASP A 67 25.61 -11.32 5.38
C ASP A 67 25.23 -12.25 6.58
N VAL A 68 25.65 -11.90 7.83
CA VAL A 68 25.33 -12.71 9.03
C VAL A 68 24.13 -12.11 9.84
N VAL A 69 23.02 -11.72 9.16
CA VAL A 69 21.86 -11.17 9.86
C VAL A 69 20.58 -11.95 9.45
N PRO A 70 19.92 -12.63 10.43
CA PRO A 70 18.76 -13.48 10.08
C PRO A 70 17.63 -12.83 9.27
N MET A 71 17.18 -11.59 9.65
CA MET A 71 16.12 -10.88 8.89
C MET A 71 16.55 -10.61 7.44
N VAL A 72 17.84 -10.28 7.22
CA VAL A 72 18.36 -10.05 5.85
C VAL A 72 18.24 -11.35 5.01
N THR A 73 18.55 -12.53 5.62
CA THR A 73 18.42 -13.85 4.96
C THR A 73 16.95 -14.20 4.68
N GLN A 74 16.04 -13.92 5.62
CA GLN A 74 14.61 -14.19 5.44
C GLN A 74 14.01 -13.49 4.21
N MET A 75 14.43 -12.23 3.98
CA MET A 75 13.93 -11.42 2.87
C MET A 75 14.39 -11.96 1.51
N ALA A 76 15.58 -12.60 1.47
CA ALA A 76 16.17 -13.22 0.28
C ALA A 76 15.34 -14.43 -0.22
N MET A 77 14.39 -14.90 0.62
CA MET A 77 13.50 -16.01 0.35
C MET A 77 12.21 -15.50 -0.34
N THR A 78 11.02 -15.67 0.27
CA THR A 78 9.70 -15.25 -0.27
C THR A 78 9.37 -16.06 -1.55
N ASP A 79 8.46 -17.03 -1.40
CA ASP A 79 7.99 -17.96 -2.42
C ASP A 79 6.80 -17.38 -3.20
N THR A 80 6.90 -17.35 -4.55
CA THR A 80 5.86 -16.84 -5.45
C THR A 80 5.35 -17.92 -6.43
N THR A 81 5.77 -19.19 -6.23
CA THR A 81 5.38 -20.34 -7.05
C THR A 81 3.90 -20.74 -6.78
N PRO A 82 3.26 -21.65 -7.59
CA PRO A 82 1.86 -22.06 -7.27
C PRO A 82 1.71 -22.66 -5.87
N PHE A 83 2.81 -23.24 -5.31
CA PHE A 83 2.91 -23.80 -3.96
C PHE A 83 2.79 -22.68 -2.92
N GLY A 84 3.54 -21.59 -3.12
CA GLY A 84 3.54 -20.41 -2.27
C GLY A 84 2.20 -19.68 -2.26
N GLN A 85 1.55 -19.59 -3.45
CA GLN A 85 0.24 -18.96 -3.66
C GLN A 85 -0.85 -19.66 -2.83
N GLN A 86 -0.95 -21.00 -3.00
CA GLN A 86 -1.91 -21.87 -2.31
C GLN A 86 -1.82 -21.78 -0.79
N ARG A 87 -0.58 -21.71 -0.25
CA ARG A 87 -0.27 -21.62 1.18
C ARG A 87 -0.92 -20.38 1.84
N VAL A 88 -0.62 -19.18 1.30
CA VAL A 88 -1.13 -17.86 1.76
C VAL A 88 -2.66 -17.83 1.62
N PHE A 89 -3.19 -18.41 0.52
CA PHE A 89 -4.62 -18.51 0.24
C PHE A 89 -5.37 -19.22 1.37
N LYS A 90 -4.92 -20.44 1.72
CA LYS A 90 -5.50 -21.30 2.77
C LYS A 90 -5.54 -20.57 4.12
N GLU A 91 -4.39 -20.00 4.53
CA GLU A 91 -4.16 -19.25 5.77
C GLU A 91 -5.08 -18.04 5.97
N LYS A 92 -5.19 -17.19 4.92
CA LYS A 92 -5.90 -15.92 4.95
C LYS A 92 -7.24 -15.82 4.20
N VAL A 93 -7.16 -15.89 2.87
CA VAL A 93 -8.20 -15.67 1.87
C VAL A 93 -9.44 -16.59 1.95
N ASP A 94 -9.28 -17.88 2.30
CA ASP A 94 -10.40 -18.84 2.33
C ASP A 94 -11.19 -18.84 3.67
N THR A 95 -11.73 -17.67 4.03
CA THR A 95 -12.52 -17.49 5.26
C THR A 95 -13.80 -16.72 5.00
N ARG A 96 -14.70 -16.73 6.00
CA ARG A 96 -15.96 -16.00 5.97
C ARG A 96 -16.02 -15.08 7.21
N THR A 97 -16.44 -13.83 7.00
CA THR A 97 -16.57 -12.84 8.06
C THR A 97 -18.02 -12.92 8.51
N PRO A 98 -18.33 -13.11 9.82
CA PRO A 98 -19.75 -13.15 10.25
C PRO A 98 -20.43 -11.82 9.94
N ARG A 99 -21.70 -11.86 9.58
CA ARG A 99 -22.38 -10.62 9.24
C ARG A 99 -22.55 -9.69 10.46
N PRO A 100 -22.22 -8.37 10.33
CA PRO A 100 -22.45 -7.44 11.46
C PRO A 100 -23.93 -7.47 11.87
N LEU A 101 -24.20 -7.12 13.14
CA LEU A 101 -25.54 -7.05 13.71
C LEU A 101 -26.37 -5.92 13.08
N PRO A 102 -27.72 -5.97 13.19
CA PRO A 102 -28.56 -4.93 12.54
C PRO A 102 -28.26 -3.50 12.97
N GLY A 103 -28.02 -3.26 14.26
CA GLY A 103 -27.71 -1.89 14.72
C GLY A 103 -26.35 -1.44 14.19
N THR A 104 -25.36 -2.36 14.15
CA THR A 104 -24.03 -2.05 13.61
C THR A 104 -24.20 -1.63 12.16
N ARG A 105 -25.05 -2.36 11.38
CA ARG A 105 -25.25 -2.07 9.96
C ARG A 105 -25.86 -0.70 9.76
N LYS A 106 -26.77 -0.29 10.66
CA LYS A 106 -27.41 1.02 10.61
C LYS A 106 -26.40 2.15 10.85
N VAL A 107 -25.59 2.09 11.95
CA VAL A 107 -24.58 3.11 12.26
C VAL A 107 -23.63 3.21 11.09
N MET A 108 -23.20 2.05 10.53
CA MET A 108 -22.25 2.07 9.41
C MET A 108 -22.83 2.82 8.21
N GLU A 109 -24.12 2.59 7.92
CA GLU A 109 -24.82 3.23 6.80
C GLU A 109 -24.94 4.72 7.05
N ILE A 110 -25.33 5.13 8.28
CA ILE A 110 -25.45 6.57 8.61
C ILE A 110 -24.08 7.25 8.48
N THR A 111 -23.03 6.62 9.01
CA THR A 111 -21.68 7.18 8.97
C THR A 111 -21.17 7.24 7.52
N ALA A 112 -21.34 6.16 6.72
CA ALA A 112 -20.92 6.15 5.31
C ALA A 112 -21.56 7.29 4.49
N GLU A 113 -22.89 7.51 4.66
CA GLU A 113 -23.60 8.57 3.92
C GLU A 113 -23.03 9.93 4.27
N TRP A 114 -22.84 10.19 5.58
CA TRP A 114 -22.30 11.46 6.06
C TRP A 114 -20.86 11.65 5.56
N LEU A 115 -20.05 10.57 5.62
CA LEU A 115 -18.65 10.61 5.20
C LEU A 115 -18.53 10.90 3.71
N TRP A 116 -19.31 10.22 2.86
CA TRP A 116 -19.29 10.49 1.43
C TRP A 116 -19.68 11.95 1.11
N ARG A 117 -20.68 12.52 1.82
CA ARG A 117 -21.10 13.92 1.62
C ARG A 117 -20.01 14.89 2.07
N THR A 118 -19.31 14.58 3.18
CA THR A 118 -18.19 15.38 3.67
C THR A 118 -17.02 15.38 2.66
N LEU A 119 -16.69 14.20 2.13
CA LEU A 119 -15.61 14.03 1.15
C LEU A 119 -15.89 14.68 -0.21
N GLY A 120 -17.16 14.75 -0.58
CA GLY A 120 -17.58 15.36 -1.84
C GLY A 120 -18.07 16.79 -1.73
N ARG A 121 -17.75 17.50 -0.61
CA ARG A 121 -18.20 18.87 -0.33
C ARG A 121 -17.64 19.93 -1.30
N ASN A 122 -16.40 19.73 -1.80
CA ASN A 122 -15.72 20.63 -2.75
C ASN A 122 -15.47 19.94 -4.07
N LYS A 123 -15.12 18.65 -4.03
CA LYS A 123 -14.83 17.89 -5.24
C LYS A 123 -16.09 17.22 -5.76
N ARG A 124 -16.17 17.09 -7.08
CA ARG A 124 -17.26 16.41 -7.74
C ARG A 124 -16.63 15.19 -8.43
N PRO A 125 -17.24 13.99 -8.35
CA PRO A 125 -16.69 12.86 -9.08
C PRO A 125 -16.68 13.13 -10.59
N ARG A 126 -15.76 12.48 -11.32
CA ARG A 126 -15.65 12.59 -12.77
C ARG A 126 -15.03 11.31 -13.29
N LEU A 127 -15.20 11.07 -14.59
CA LEU A 127 -14.63 9.95 -15.29
C LEU A 127 -13.14 10.23 -15.58
N CYS A 128 -12.32 9.18 -15.58
CA CYS A 128 -10.91 9.28 -15.95
C CYS A 128 -10.80 8.80 -17.39
N THR A 129 -9.75 9.25 -18.09
CA THR A 129 -9.67 9.03 -19.54
C THR A 129 -8.57 8.07 -20.01
N ARG A 130 -8.63 7.74 -21.32
CA ARG A 130 -7.67 6.93 -22.06
C ARG A 130 -6.27 7.61 -22.02
N GLU A 131 -6.25 8.95 -22.22
CA GLU A 131 -5.02 9.75 -22.24
CA GLU A 131 -5.03 9.78 -22.22
C GLU A 131 -4.37 9.87 -20.85
N GLU A 132 -5.19 9.90 -19.78
CA GLU A 132 -4.69 9.96 -18.39
C GLU A 132 -3.98 8.65 -18.08
N PHE A 133 -4.63 7.51 -18.44
CA PHE A 133 -4.13 6.15 -18.23
C PHE A 133 -2.84 5.91 -19.03
N THR A 134 -2.79 6.46 -20.27
CA THR A 134 -1.66 6.36 -21.19
C THR A 134 -0.46 7.10 -20.60
N LYS A 135 -0.64 8.40 -20.27
CA LYS A 135 0.36 9.27 -19.64
C LYS A 135 0.97 8.61 -18.40
N LYS A 136 0.12 8.02 -17.52
CA LYS A 136 0.50 7.31 -16.30
C LYS A 136 1.34 6.08 -16.63
N VAL A 137 0.90 5.26 -17.61
CA VAL A 137 1.64 4.06 -18.03
C VAL A 137 3.03 4.48 -18.62
N ARG A 138 3.05 5.57 -19.41
CA ARG A 138 4.25 6.13 -20.04
C ARG A 138 5.26 6.60 -18.98
N THR A 139 4.84 7.55 -18.09
CA THR A 139 5.68 8.07 -17.00
C THR A 139 5.69 7.08 -15.81
N ASN A 140 6.19 5.86 -16.07
CA ASN A 140 6.32 4.76 -15.13
C ASN A 140 7.37 3.78 -15.65
N ALA A 141 7.19 3.32 -16.91
CA ALA A 141 8.09 2.40 -17.61
C ALA A 141 9.15 3.17 -18.40
N ALA A 142 8.77 4.32 -19.00
CA ALA A 142 9.65 5.19 -19.79
C ALA A 142 9.68 6.60 -19.22
N ASP A 154 7.54 -1.25 -21.24
CA ASP A 154 7.27 -2.68 -21.16
C ASP A 154 6.04 -3.10 -22.02
N SER A 155 5.41 -4.26 -21.74
CA SER A 155 4.25 -4.76 -22.50
C SER A 155 2.96 -3.92 -22.26
N ALA A 156 2.89 -3.19 -21.13
CA ALA A 156 1.75 -2.32 -20.82
C ALA A 156 1.77 -1.07 -21.71
N LYS A 157 2.98 -0.51 -21.97
CA LYS A 157 3.19 0.66 -22.83
C LYS A 157 2.95 0.30 -24.30
N ALA A 158 3.20 -0.97 -24.66
CA ALA A 158 3.00 -1.50 -26.01
C ALA A 158 1.50 -1.64 -26.32
N ALA A 159 0.70 -2.03 -25.31
CA ALA A 159 -0.77 -2.21 -25.41
C ALA A 159 -1.47 -0.87 -25.55
N VAL A 160 -1.05 0.10 -24.72
CA VAL A 160 -1.54 1.49 -24.69
C VAL A 160 -1.34 2.15 -26.07
N GLU A 161 -0.23 1.78 -26.75
CA GLU A 161 0.18 2.23 -28.09
C GLU A 161 -0.66 1.58 -29.21
N ASP A 162 -1.22 0.39 -28.95
CA ASP A 162 -2.05 -0.35 -29.90
C ASP A 162 -3.51 0.06 -29.82
N GLU A 163 -4.08 0.48 -30.97
CA GLU A 163 -5.48 0.89 -31.13
C GLU A 163 -6.43 -0.30 -30.94
N GLU A 164 -5.97 -1.53 -31.22
CA GLU A 164 -6.78 -2.75 -31.06
C GLU A 164 -7.10 -3.06 -29.59
N PHE A 165 -6.25 -2.59 -28.66
CA PHE A 165 -6.45 -2.72 -27.21
C PHE A 165 -7.62 -1.81 -26.80
N TRP A 166 -7.61 -0.57 -27.32
CA TRP A 166 -8.66 0.41 -27.04
C TRP A 166 -10.03 0.03 -27.62
N LYS A 167 -10.03 -0.72 -28.72
CA LYS A 167 -11.27 -1.21 -29.33
C LYS A 167 -11.84 -2.36 -28.50
N LEU A 168 -10.99 -3.16 -27.83
CA LEU A 168 -11.45 -4.21 -26.92
C LEU A 168 -12.08 -3.56 -25.68
N VAL A 169 -11.47 -2.45 -25.20
CA VAL A 169 -11.92 -1.62 -24.08
C VAL A 169 -13.35 -1.12 -24.37
N ASP A 170 -13.57 -0.52 -25.58
CA ASP A 170 -14.87 0.01 -25.98
C ASP A 170 -15.95 -1.06 -25.98
N ARG A 171 -15.60 -2.28 -26.42
CA ARG A 171 -16.52 -3.41 -26.48
C ARG A 171 -16.91 -3.87 -25.08
N GLU A 172 -15.91 -4.02 -24.15
CA GLU A 172 -16.21 -4.39 -22.77
C GLU A 172 -17.06 -3.29 -22.11
N ARG A 173 -16.73 -2.01 -22.34
CA ARG A 173 -17.54 -0.88 -21.84
C ARG A 173 -18.99 -0.99 -22.29
N GLU A 174 -19.25 -1.30 -23.57
CA GLU A 174 -20.62 -1.47 -24.07
C GLU A 174 -21.38 -2.57 -23.30
N LEU A 175 -20.68 -3.66 -22.91
CA LEU A 175 -21.29 -4.69 -22.05
C LEU A 175 -21.65 -4.08 -20.69
N HIS A 176 -20.70 -3.35 -20.04
CA HIS A 176 -20.93 -2.71 -18.72
C HIS A 176 -22.14 -1.81 -18.73
N LYS A 177 -22.36 -1.07 -19.85
CA LYS A 177 -23.52 -0.19 -20.02
C LYS A 177 -24.83 -0.98 -20.08
N LEU A 178 -24.76 -2.25 -20.50
CA LEU A 178 -25.87 -3.21 -20.56
C LEU A 178 -26.02 -4.00 -19.23
N GLY A 179 -25.12 -3.75 -18.27
CA GLY A 179 -25.11 -4.43 -16.98
C GLY A 179 -24.51 -5.81 -17.06
N LYS A 180 -23.58 -6.01 -18.01
CA LYS A 180 -22.92 -7.28 -18.26
C LYS A 180 -21.42 -7.13 -18.22
N CYS A 181 -20.71 -8.24 -18.04
CA CYS A 181 -19.25 -8.27 -18.03
C CYS A 181 -18.79 -9.54 -18.75
N GLY A 182 -17.74 -9.42 -19.55
CA GLY A 182 -17.24 -10.57 -20.29
C GLY A 182 -15.78 -10.94 -20.10
N SER A 183 -14.95 -9.99 -19.67
CA SER A 183 -13.51 -10.27 -19.53
C SER A 183 -12.83 -9.63 -18.31
N CYS A 184 -13.57 -9.07 -17.33
CA CYS A 184 -12.91 -8.43 -16.18
C CYS A 184 -12.65 -9.45 -15.10
N VAL A 185 -11.45 -10.04 -15.17
CA VAL A 185 -11.00 -11.13 -14.30
C VAL A 185 -9.77 -10.67 -13.52
N TYR A 186 -9.79 -10.91 -12.20
CA TYR A 186 -8.74 -10.56 -11.25
C TYR A 186 -7.75 -11.75 -11.15
N ASN A 187 -6.46 -11.44 -11.13
CA ASN A 187 -5.40 -12.47 -11.06
C ASN A 187 -4.64 -12.43 -9.74
N MET A 188 -4.64 -13.55 -8.99
CA MET A 188 -3.96 -13.67 -7.68
C MET A 188 -2.45 -13.62 -7.82
N SER A 205 -1.63 -15.32 -24.56
CA SER A 205 -0.64 -14.51 -23.86
C SER A 205 -0.85 -13.00 -24.10
N ARG A 206 -1.13 -12.59 -25.36
CA ARG A 206 -1.35 -11.18 -25.70
C ARG A 206 -2.83 -10.78 -25.57
N ALA A 207 -3.77 -11.71 -25.83
CA ALA A 207 -5.21 -11.47 -25.71
C ALA A 207 -5.62 -11.37 -24.24
N ILE A 208 -5.09 -12.27 -23.38
CA ILE A 208 -5.36 -12.30 -21.93
C ILE A 208 -4.78 -11.05 -21.24
N TRP A 209 -3.59 -10.59 -21.68
CA TRP A 209 -2.93 -9.38 -21.16
C TRP A 209 -3.75 -8.13 -21.53
N TYR A 210 -4.38 -8.13 -22.72
CA TYR A 210 -5.24 -7.05 -23.21
C TYR A 210 -6.52 -6.93 -22.39
N MET A 211 -7.11 -8.09 -22.04
CA MET A 211 -8.32 -8.18 -21.23
C MET A 211 -8.06 -7.74 -19.77
N TRP A 212 -6.87 -8.08 -19.21
CA TRP A 212 -6.48 -7.70 -17.85
C TRP A 212 -6.28 -6.20 -17.75
N LEU A 213 -5.43 -5.64 -18.62
CA LEU A 213 -5.13 -4.22 -18.67
C LEU A 213 -6.39 -3.37 -18.97
N GLY A 214 -7.31 -3.95 -19.76
CA GLY A 214 -8.57 -3.35 -20.16
C GLY A 214 -9.54 -3.30 -19.00
N VAL A 215 -9.51 -4.37 -18.17
CA VAL A 215 -10.30 -4.46 -16.93
C VAL A 215 -9.82 -3.37 -15.97
N ARG A 216 -8.48 -3.20 -15.86
CA ARG A 216 -7.88 -2.16 -15.02
C ARG A 216 -8.16 -0.77 -15.55
N TYR A 217 -8.14 -0.59 -16.90
CA TYR A 217 -8.51 0.71 -17.47
C TYR A 217 -9.96 1.11 -17.14
N LEU A 218 -10.89 0.19 -17.31
CA LEU A 218 -12.31 0.46 -17.05
C LEU A 218 -12.57 0.80 -15.60
N GLU A 219 -11.85 0.12 -14.69
CA GLU A 219 -11.94 0.39 -13.27
C GLU A 219 -11.42 1.81 -13.00
N PHE A 220 -10.30 2.16 -13.64
CA PHE A 220 -9.65 3.46 -13.54
C PHE A 220 -10.54 4.56 -14.08
N GLU A 221 -11.22 4.28 -15.21
CA GLU A 221 -12.14 5.25 -15.85
C GLU A 221 -13.27 5.64 -14.89
N ALA A 222 -13.86 4.65 -14.22
CA ALA A 222 -14.99 4.84 -13.30
C ALA A 222 -14.62 5.24 -11.86
N LEU A 223 -13.49 4.74 -11.33
CA LEU A 223 -13.13 5.00 -9.92
C LEU A 223 -11.79 5.68 -9.68
N GLY A 224 -11.03 5.90 -10.75
CA GLY A 224 -9.74 6.55 -10.70
C GLY A 224 -9.74 7.97 -10.14
N PHE A 225 -10.91 8.68 -10.23
CA PHE A 225 -11.06 10.06 -9.70
C PHE A 225 -10.66 10.11 -8.20
N LEU A 226 -10.91 9.03 -7.43
CA LEU A 226 -10.55 8.98 -6.00
C LEU A 226 -9.08 9.25 -5.80
N ASN A 227 -8.22 8.65 -6.67
CA ASN A 227 -6.78 8.86 -6.62
C ASN A 227 -6.37 10.15 -7.34
N GLU A 228 -6.77 10.28 -8.62
CA GLU A 228 -6.39 11.39 -9.52
C GLU A 228 -6.79 12.75 -9.02
N ASP A 229 -7.93 12.85 -8.34
CA ASP A 229 -8.39 14.11 -7.78
C ASP A 229 -8.20 14.20 -6.25
N HIS A 230 -7.36 13.30 -5.68
CA HIS A 230 -6.92 13.31 -4.29
C HIS A 230 -8.06 13.44 -3.28
N TRP A 231 -9.05 12.54 -3.38
CA TRP A 231 -10.16 12.59 -2.44
C TRP A 231 -9.73 12.32 -1.02
N PHE A 232 -8.58 11.62 -0.85
CA PHE A 232 -8.07 11.20 0.46
C PHE A 232 -6.83 11.98 0.88
N SER A 233 -6.64 13.18 0.30
CA SER A 233 -5.60 14.13 0.73
C SER A 233 -6.04 14.55 2.14
N ARG A 234 -5.12 15.07 2.96
CA ARG A 234 -5.45 15.50 4.32
C ARG A 234 -6.39 16.72 4.31
N GLU A 235 -6.21 17.64 3.35
CA GLU A 235 -7.08 18.83 3.27
C GLU A 235 -8.51 18.40 2.93
N ASN A 236 -8.67 17.40 2.04
CA ASN A 236 -10.03 16.99 1.68
C ASN A 236 -10.72 16.04 2.65
N SER A 237 -9.97 15.06 3.18
CA SER A 237 -10.56 14.03 4.03
C SER A 237 -10.34 14.20 5.53
N TYR A 238 -9.46 15.15 5.97
CA TYR A 238 -9.09 15.37 7.39
C TYR A 238 -8.24 14.25 7.99
N SER A 239 -8.64 12.97 7.81
CA SER A 239 -7.90 11.81 8.33
C SER A 239 -6.87 11.30 7.35
N GLY A 240 -7.14 11.50 6.05
CA GLY A 240 -6.28 10.96 5.00
C GLY A 240 -4.90 11.54 4.95
N VAL A 241 -4.02 10.87 4.22
CA VAL A 241 -2.62 11.28 4.06
C VAL A 241 -2.15 11.09 2.59
N GLU A 242 -3.09 10.91 1.68
CA GLU A 242 -2.79 10.68 0.27
C GLU A 242 -2.09 11.89 -0.34
N GLY A 243 -0.97 11.64 -1.04
CA GLY A 243 -0.17 12.71 -1.63
C GLY A 243 0.82 13.32 -0.66
N GLU A 244 0.71 13.02 0.65
CA GLU A 244 1.61 13.63 1.62
C GLU A 244 3.06 13.14 1.47
N GLY A 245 3.28 11.83 1.39
CA GLY A 245 4.64 11.33 1.27
C GLY A 245 5.21 10.95 2.63
N LEU A 246 6.05 9.90 2.66
CA LEU A 246 6.64 9.35 3.88
C LEU A 246 7.24 10.41 4.81
N HIS A 247 8.05 11.33 4.26
CA HIS A 247 8.73 12.36 5.06
C HIS A 247 7.78 13.33 5.74
N LYS A 248 6.49 13.36 5.31
CA LYS A 248 5.48 14.23 5.93
C LYS A 248 4.65 13.53 7.01
N LEU A 249 4.60 12.18 6.97
CA LEU A 249 3.79 11.36 7.92
C LEU A 249 4.15 11.55 9.36
N GLY A 250 5.43 11.70 9.65
CA GLY A 250 5.86 11.92 11.02
C GLY A 250 5.41 13.26 11.54
N TYR A 251 5.51 14.31 10.69
CA TYR A 251 5.06 15.64 11.10
C TYR A 251 3.57 15.61 11.37
N ILE A 252 2.79 14.88 10.58
CA ILE A 252 1.32 14.73 10.76
C ILE A 252 1.03 14.08 12.13
N LEU A 253 1.74 12.97 12.44
CA LEU A 253 1.59 12.29 13.77
C LEU A 253 1.91 13.25 14.92
N ARG A 254 2.97 14.08 14.76
CA ARG A 254 3.31 15.07 15.80
C ARG A 254 2.21 16.13 15.94
N ASP A 255 1.58 16.58 14.84
CA ASP A 255 0.49 17.53 14.93
C ASP A 255 -0.74 16.91 15.64
N ILE A 256 -1.07 15.64 15.33
CA ILE A 256 -2.15 14.90 16.00
C ILE A 256 -1.86 14.86 17.51
N SER A 257 -0.59 14.62 17.92
CA SER A 257 -0.23 14.56 19.35
C SER A 257 -0.56 15.85 20.16
N LYS A 258 -0.73 17.00 19.47
CA LYS A 258 -1.02 18.30 20.12
C LYS A 258 -2.50 18.44 20.44
N ILE A 259 -3.33 17.54 19.87
CA ILE A 259 -4.77 17.59 20.09
C ILE A 259 -5.07 17.01 21.47
N PRO A 260 -5.81 17.73 22.35
CA PRO A 260 -6.13 17.16 23.67
C PRO A 260 -6.94 15.87 23.50
N GLY A 261 -6.65 14.90 24.35
CA GLY A 261 -7.35 13.63 24.34
C GLY A 261 -6.59 12.55 25.09
N GLY A 262 -6.89 11.29 24.76
CA GLY A 262 -6.25 10.15 25.37
C GLY A 262 -4.99 9.79 24.60
N ALA A 263 -4.53 8.56 24.76
CA ALA A 263 -3.37 8.01 24.08
C ALA A 263 -3.60 7.96 22.55
N MET A 264 -2.54 7.66 21.78
CA MET A 264 -2.64 7.46 20.33
C MET A 264 -2.64 5.95 20.09
N TYR A 265 -3.68 5.45 19.42
CA TYR A 265 -3.89 4.04 19.14
C TYR A 265 -3.59 3.71 17.69
N ALA A 266 -2.96 2.57 17.45
CA ALA A 266 -2.61 2.19 16.10
C ALA A 266 -2.80 0.69 15.98
N ASP A 267 -4.06 0.25 15.99
CA ASP A 267 -4.34 -1.18 15.93
C ASP A 267 -4.32 -1.69 14.52
N ASP A 268 -3.66 -2.84 14.36
CA ASP A 268 -3.50 -3.59 13.12
C ASP A 268 -4.70 -4.55 12.98
N THR A 269 -5.40 -4.53 11.84
CA THR A 269 -6.49 -5.46 11.53
C THR A 269 -5.84 -6.72 10.93
N ALA A 270 -6.30 -7.94 11.32
CA ALA A 270 -5.78 -9.18 10.73
C ALA A 270 -6.41 -9.33 9.32
N GLY A 271 -5.59 -9.23 8.27
CA GLY A 271 -6.00 -9.35 6.87
C GLY A 271 -7.21 -8.51 6.49
N TRP A 272 -7.06 -7.16 6.56
CA TRP A 272 -8.10 -6.17 6.27
C TRP A 272 -8.93 -6.50 5.03
N ASP A 273 -8.27 -6.72 3.88
CA ASP A 273 -8.93 -7.01 2.59
C ASP A 273 -9.87 -8.19 2.66
N THR A 274 -9.56 -9.19 3.52
CA THR A 274 -10.47 -10.35 3.66
C THR A 274 -11.68 -10.02 4.55
N ARG A 275 -11.62 -8.90 5.29
CA ARG A 275 -12.67 -8.48 6.23
C ARG A 275 -13.63 -7.44 5.68
N ILE A 276 -13.49 -7.12 4.40
CA ILE A 276 -14.41 -6.20 3.74
C ILE A 276 -15.70 -6.99 3.48
N THR A 277 -16.78 -6.61 4.15
CA THR A 277 -18.05 -7.31 4.06
C THR A 277 -18.92 -6.85 2.89
N GLU A 278 -20.06 -7.55 2.63
CA GLU A 278 -21.02 -7.15 1.61
C GLU A 278 -21.64 -5.80 2.06
N ASP A 279 -21.82 -5.61 3.39
CA ASP A 279 -22.33 -4.36 3.95
C ASP A 279 -21.33 -3.23 3.73
N ASP A 280 -20.00 -3.49 3.84
CA ASP A 280 -18.98 -2.46 3.54
C ASP A 280 -19.07 -2.06 2.07
N LEU A 281 -19.18 -3.03 1.16
CA LEU A 281 -19.27 -2.79 -0.30
C LEU A 281 -20.46 -1.95 -0.70
N HIS A 282 -21.61 -2.18 -0.03
CA HIS A 282 -22.83 -1.42 -0.28
CA HIS A 282 -22.86 -1.45 -0.24
C HIS A 282 -22.69 -0.01 0.22
N ASN A 283 -21.95 0.21 1.36
CA ASN A 283 -21.72 1.56 1.88
C ASN A 283 -20.75 2.32 1.00
N GLU A 284 -19.71 1.62 0.46
CA GLU A 284 -18.70 2.21 -0.42
C GLU A 284 -19.35 2.69 -1.72
N GLU A 285 -20.34 1.93 -2.22
CA GLU A 285 -21.08 2.20 -3.48
C GLU A 285 -21.82 3.54 -3.50
N LYS A 286 -22.18 4.07 -2.33
CA LYS A 286 -22.93 5.33 -2.15
C LYS A 286 -22.29 6.53 -2.80
N ILE A 287 -21.01 6.44 -3.19
CA ILE A 287 -20.33 7.51 -3.90
C ILE A 287 -21.01 7.73 -5.29
N ILE A 288 -21.62 6.69 -5.88
CA ILE A 288 -22.28 6.78 -7.20
C ILE A 288 -23.43 7.83 -7.19
N GLN A 289 -23.99 8.15 -6.01
CA GLN A 289 -25.06 9.14 -5.85
C GLN A 289 -24.65 10.57 -6.24
N GLN A 290 -23.35 10.87 -6.19
CA GLN A 290 -22.78 12.20 -6.51
C GLN A 290 -22.28 12.30 -7.95
N MET A 291 -22.40 11.22 -8.71
CA MET A 291 -21.89 11.16 -10.09
C MET A 291 -22.87 11.64 -11.14
N ASP A 292 -22.32 12.07 -12.30
CA ASP A 292 -23.13 12.43 -13.47
C ASP A 292 -23.76 11.15 -13.97
N PRO A 293 -24.93 11.18 -14.68
CA PRO A 293 -25.57 9.92 -15.11
C PRO A 293 -24.68 8.98 -15.92
N GLU A 294 -23.90 9.53 -16.87
CA GLU A 294 -23.00 8.69 -17.70
C GLU A 294 -21.88 8.02 -16.83
N HIS A 295 -21.37 8.74 -15.81
CA HIS A 295 -20.35 8.22 -14.89
C HIS A 295 -20.94 7.16 -13.94
N ARG A 296 -22.11 7.47 -13.35
CA ARG A 296 -22.84 6.59 -12.45
C ARG A 296 -23.06 5.19 -13.05
N GLN A 297 -23.46 5.11 -14.32
CA GLN A 297 -23.71 3.84 -15.02
C GLN A 297 -22.47 2.95 -15.09
N LEU A 298 -21.33 3.56 -15.37
CA LEU A 298 -20.05 2.86 -15.52
C LEU A 298 -19.48 2.46 -14.16
N ALA A 299 -19.65 3.34 -13.13
CA ALA A 299 -19.17 3.05 -11.78
C ALA A 299 -20.04 1.99 -11.15
N ASN A 300 -21.36 2.07 -11.41
CA ASN A 300 -22.32 1.07 -10.92
C ASN A 300 -21.92 -0.28 -11.50
N ALA A 301 -21.47 -0.32 -12.77
CA ALA A 301 -21.00 -1.55 -13.41
C ALA A 301 -19.77 -2.11 -12.69
N ILE A 302 -18.77 -1.27 -12.36
CA ILE A 302 -17.58 -1.74 -11.63
C ILE A 302 -17.99 -2.34 -10.27
N PHE A 303 -18.81 -1.60 -9.50
CA PHE A 303 -19.27 -2.02 -8.17
C PHE A 303 -20.01 -3.34 -8.18
N LYS A 304 -21.10 -3.42 -8.97
CA LYS A 304 -21.96 -4.61 -9.03
C LYS A 304 -21.32 -5.83 -9.69
N LEU A 305 -20.46 -5.64 -10.69
CA LEU A 305 -19.89 -6.74 -11.47
C LEU A 305 -18.46 -7.14 -11.14
N THR A 306 -17.62 -6.23 -10.61
CA THR A 306 -16.21 -6.59 -10.35
C THR A 306 -15.82 -6.47 -8.84
N TYR A 307 -16.65 -5.81 -8.01
CA TYR A 307 -16.39 -5.66 -6.56
C TYR A 307 -17.33 -6.56 -5.75
N GLN A 308 -18.65 -6.45 -5.98
CA GLN A 308 -19.69 -7.21 -5.29
C GLN A 308 -19.89 -8.63 -5.85
N ASN A 309 -19.23 -8.92 -6.96
CA ASN A 309 -19.16 -10.20 -7.64
C ASN A 309 -17.81 -10.17 -8.29
N LYS A 310 -17.07 -11.25 -8.26
CA LYS A 310 -15.75 -11.28 -8.86
C LYS A 310 -15.40 -12.65 -9.34
N VAL A 311 -14.61 -12.72 -10.43
CA VAL A 311 -14.09 -13.95 -11.02
C VAL A 311 -12.60 -13.82 -10.86
N VAL A 312 -12.00 -14.79 -10.16
CA VAL A 312 -10.57 -14.74 -9.82
C VAL A 312 -9.84 -15.97 -10.37
N LYS A 313 -8.59 -15.76 -10.83
CA LYS A 313 -7.67 -16.77 -11.33
C LYS A 313 -6.57 -16.99 -10.28
N VAL A 314 -6.32 -18.24 -9.90
CA VAL A 314 -5.24 -18.57 -8.93
C VAL A 314 -4.55 -19.89 -9.34
N GLN A 315 -3.21 -19.88 -9.39
CA GLN A 315 -2.42 -21.08 -9.76
C GLN A 315 -2.40 -22.10 -8.62
N ARG A 316 -2.29 -23.40 -8.98
CA ARG A 316 -2.26 -24.50 -8.01
C ARG A 316 -1.44 -25.72 -8.50
N PRO A 317 -0.50 -26.23 -7.68
CA PRO A 317 0.23 -27.44 -8.10
C PRO A 317 -0.63 -28.68 -7.87
N THR A 318 -0.44 -29.68 -8.73
CA THR A 318 -1.14 -30.96 -8.74
C THR A 318 -0.09 -32.07 -9.05
N PRO A 319 -0.34 -33.38 -8.77
CA PRO A 319 0.65 -34.40 -9.16
C PRO A 319 0.96 -34.39 -10.67
N THR A 320 -0.06 -34.01 -11.49
CA THR A 320 0.00 -33.90 -12.95
C THR A 320 0.80 -32.67 -13.45
N GLY A 321 0.92 -31.63 -12.60
CA GLY A 321 1.64 -30.40 -12.94
C GLY A 321 1.11 -29.15 -12.26
N THR A 322 0.78 -28.11 -13.05
CA THR A 322 0.24 -26.84 -12.55
C THR A 322 -1.08 -26.51 -13.26
N VAL A 323 -2.08 -26.08 -12.48
CA VAL A 323 -3.41 -25.70 -12.99
C VAL A 323 -3.77 -24.28 -12.56
N MET A 324 -4.70 -23.64 -13.29
CA MET A 324 -5.23 -22.33 -12.96
C MET A 324 -6.68 -22.56 -12.57
N ASP A 325 -7.04 -22.18 -11.33
CA ASP A 325 -8.40 -22.34 -10.82
C ASP A 325 -9.20 -21.09 -11.04
N ILE A 326 -10.47 -21.27 -11.40
CA ILE A 326 -11.41 -20.18 -11.60
C ILE A 326 -12.37 -20.22 -10.42
N ILE A 327 -12.28 -19.18 -9.57
CA ILE A 327 -13.07 -19.06 -8.34
C ILE A 327 -13.83 -17.75 -8.28
N SER A 328 -14.86 -17.69 -7.44
CA SER A 328 -15.67 -16.49 -7.29
C SER A 328 -16.18 -16.32 -5.87
N ARG A 329 -16.59 -15.08 -5.51
CA ARG A 329 -17.24 -14.71 -4.23
C ARG A 329 -17.89 -13.32 -4.29
N LYS A 330 -18.73 -12.99 -3.31
CA LYS A 330 -19.47 -11.73 -3.28
C LYS A 330 -18.89 -10.66 -2.34
N ASP A 331 -17.89 -10.99 -1.50
CA ASP A 331 -17.30 -9.99 -0.63
C ASP A 331 -15.78 -10.03 -0.66
N GLN A 332 -15.11 -9.35 0.28
CA GLN A 332 -13.67 -9.17 0.33
C GLN A 332 -13.25 -8.17 -0.76
N ARG A 333 -12.02 -7.69 -0.63
CA ARG A 333 -11.42 -6.73 -1.53
C ARG A 333 -10.31 -7.39 -2.34
N GLY A 334 -10.25 -7.10 -3.64
CA GLY A 334 -9.15 -7.52 -4.51
C GLY A 334 -8.01 -6.55 -4.26
N SER A 335 -6.92 -7.04 -3.66
CA SER A 335 -5.75 -6.26 -3.25
C SER A 335 -5.08 -5.38 -4.32
N GLY A 336 -5.04 -5.84 -5.57
CA GLY A 336 -4.35 -5.12 -6.63
C GLY A 336 -5.10 -4.07 -7.41
N GLN A 337 -6.42 -3.90 -7.15
CA GLN A 337 -7.32 -2.99 -7.88
C GLN A 337 -7.06 -1.47 -7.68
N VAL A 338 -7.54 -0.66 -8.64
CA VAL A 338 -7.41 0.80 -8.67
C VAL A 338 -8.09 1.46 -7.45
N GLY A 339 -9.30 1.01 -7.13
CA GLY A 339 -10.09 1.57 -6.04
C GLY A 339 -9.75 1.11 -4.63
N THR A 340 -8.92 0.07 -4.49
CA THR A 340 -8.54 -0.58 -3.23
C THR A 340 -8.09 0.39 -2.15
N TYR A 341 -7.05 1.19 -2.43
CA TYR A 341 -6.51 2.12 -1.43
C TYR A 341 -7.57 3.10 -0.92
N GLY A 342 -8.23 3.80 -1.86
CA GLY A 342 -9.26 4.80 -1.56
C GLY A 342 -10.44 4.23 -0.79
N LEU A 343 -10.93 3.07 -1.21
CA LEU A 343 -12.08 2.44 -0.58
C LEU A 343 -11.72 1.82 0.79
N ASN A 344 -10.48 1.32 0.94
CA ASN A 344 -10.03 0.84 2.27
C ASN A 344 -9.88 2.03 3.20
N THR A 345 -9.37 3.18 2.68
CA THR A 345 -9.21 4.41 3.49
C THR A 345 -10.58 4.87 3.96
N PHE A 346 -11.56 4.92 3.02
CA PHE A 346 -12.94 5.28 3.30
C PHE A 346 -13.52 4.44 4.43
N THR A 347 -13.55 3.13 4.26
CA THR A 347 -14.17 2.17 5.21
C THR A 347 -13.45 2.21 6.58
N ASN A 348 -12.14 2.40 6.61
CA ASN A 348 -11.39 2.50 7.86
C ASN A 348 -11.70 3.83 8.59
N MET A 349 -11.87 4.94 7.84
CA MET A 349 -12.29 6.22 8.44
C MET A 349 -13.65 6.03 9.07
N GLU A 350 -14.57 5.40 8.34
CA GLU A 350 -15.91 5.09 8.82
C GLU A 350 -15.82 4.22 10.10
N ALA A 351 -15.11 3.08 10.03
CA ALA A 351 -14.93 2.14 11.17
C ALA A 351 -14.30 2.80 12.41
N GLN A 352 -13.34 3.72 12.21
CA GLN A 352 -12.72 4.40 13.37
C GLN A 352 -13.61 5.43 14.00
N LEU A 353 -14.49 6.07 13.21
CA LEU A 353 -15.46 7.04 13.73
C LEU A 353 -16.50 6.30 14.58
N VAL A 354 -16.95 5.12 14.10
CA VAL A 354 -17.88 4.24 14.83
C VAL A 354 -17.22 3.83 16.19
N ARG A 355 -15.94 3.43 16.16
CA ARG A 355 -15.24 3.05 17.39
C ARG A 355 -15.16 4.24 18.37
N GLN A 356 -14.90 5.46 17.83
CA GLN A 356 -14.84 6.70 18.62
C GLN A 356 -16.19 6.97 19.27
N MET A 357 -17.32 6.78 18.53
CA MET A 357 -18.69 6.94 19.05
C MET A 357 -18.95 6.00 20.22
N GLU A 358 -18.53 4.71 20.11
CA GLU A 358 -18.69 3.70 21.17
C GLU A 358 -17.84 4.09 22.39
N GLY A 359 -16.63 4.57 22.13
CA GLY A 359 -15.76 5.04 23.22
C GLY A 359 -16.42 6.15 24.01
N GLU A 360 -17.13 7.05 23.33
CA GLU A 360 -17.79 8.19 23.95
C GLU A 360 -19.15 7.89 24.59
N GLY A 361 -19.58 6.63 24.49
CA GLY A 361 -20.87 6.21 25.05
C GLY A 361 -22.06 6.49 24.16
N VAL A 362 -21.82 7.01 22.93
CA VAL A 362 -22.87 7.30 21.93
C VAL A 362 -23.52 5.98 21.43
N LEU A 363 -22.72 4.92 21.34
CA LEU A 363 -23.17 3.59 20.91
C LEU A 363 -22.94 2.61 21.99
N THR A 364 -24.00 1.89 22.40
CA THR A 364 -23.95 0.86 23.44
C THR A 364 -24.11 -0.50 22.76
N LYS A 365 -23.95 -1.56 23.57
CA LYS A 365 -24.17 -2.95 23.17
C LYS A 365 -25.62 -3.11 22.65
N ALA A 366 -26.62 -2.55 23.40
CA ALA A 366 -28.05 -2.60 23.02
C ALA A 366 -28.28 -1.94 21.66
N ASP A 367 -27.58 -0.83 21.38
CA ASP A 367 -27.66 -0.12 20.09
C ASP A 367 -27.28 -0.99 18.91
N LEU A 368 -26.15 -1.72 19.03
CA LEU A 368 -25.61 -2.56 17.97
C LEU A 368 -26.50 -3.72 17.62
N GLU A 369 -27.23 -4.25 18.60
CA GLU A 369 -28.13 -5.39 18.34
C GLU A 369 -29.49 -4.92 17.82
N ASN A 370 -29.81 -3.63 18.05
CA ASN A 370 -31.10 -3.05 17.74
C ASN A 370 -31.31 -2.72 16.26
N PRO A 371 -32.29 -3.40 15.61
CA PRO A 371 -32.61 -3.07 14.22
C PRO A 371 -33.21 -1.66 14.09
N HIS A 372 -34.00 -1.24 15.08
CA HIS A 372 -34.72 0.04 15.16
C HIS A 372 -33.97 1.12 15.95
N LEU A 373 -32.66 1.06 15.91
CA LEU A 373 -31.74 2.01 16.53
C LEU A 373 -32.08 3.45 16.08
N LEU A 374 -32.16 4.38 17.05
CA LEU A 374 -32.44 5.80 16.80
C LEU A 374 -31.27 6.47 16.07
N GLU A 375 -31.58 6.98 14.88
CA GLU A 375 -30.64 7.64 13.99
C GLU A 375 -30.17 8.98 14.52
N LYS A 376 -31.05 9.72 15.24
CA LYS A 376 -30.85 11.08 15.77
C LYS A 376 -29.49 11.31 16.47
N LYS A 377 -29.13 10.51 17.50
CA LYS A 377 -27.88 10.75 18.24
C LYS A 377 -26.64 10.45 17.40
N ILE A 378 -26.76 9.57 16.37
CA ILE A 378 -25.64 9.25 15.48
C ILE A 378 -25.42 10.46 14.57
N THR A 379 -26.51 10.93 13.93
CA THR A 379 -26.49 12.13 13.07
C THR A 379 -26.02 13.36 13.85
N GLN A 380 -26.52 13.57 15.08
CA GLN A 380 -26.14 14.72 15.91
C GLN A 380 -24.64 14.75 16.20
N TRP A 381 -24.08 13.57 16.56
CA TRP A 381 -22.66 13.39 16.84
C TRP A 381 -21.86 13.67 15.57
N LEU A 382 -22.29 13.15 14.43
CA LEU A 382 -21.57 13.39 13.15
C LEU A 382 -21.57 14.87 12.74
N GLU A 383 -22.72 15.51 12.79
CA GLU A 383 -22.89 16.92 12.42
C GLU A 383 -22.20 17.87 13.38
N THR A 384 -22.13 17.54 14.67
CA THR A 384 -21.48 18.44 15.64
C THR A 384 -20.02 18.13 15.94
N LYS A 385 -19.61 16.84 15.86
CA LYS A 385 -18.27 16.39 16.24
C LYS A 385 -17.46 15.66 15.15
N GLY A 386 -18.14 15.06 14.17
CA GLY A 386 -17.57 14.28 13.08
C GLY A 386 -16.25 14.74 12.50
N VAL A 387 -16.19 15.99 11.99
CA VAL A 387 -14.99 16.58 11.39
C VAL A 387 -13.85 16.74 12.42
N GLU A 388 -14.16 17.19 13.65
CA GLU A 388 -13.15 17.31 14.72
C GLU A 388 -12.56 15.91 15.00
N ARG A 389 -13.42 14.88 15.00
CA ARG A 389 -13.03 13.51 15.27
C ARG A 389 -12.19 12.92 14.13
N LEU A 390 -12.45 13.37 12.88
CA LEU A 390 -11.64 12.94 11.72
C LEU A 390 -10.23 13.49 11.81
N LYS A 391 -10.08 14.72 12.34
CA LYS A 391 -8.80 15.42 12.50
C LYS A 391 -7.87 14.75 13.52
N ARG A 392 -8.43 13.91 14.42
CA ARG A 392 -7.71 13.13 15.44
C ARG A 392 -7.12 11.87 14.82
N MET A 393 -7.24 11.73 13.49
CA MET A 393 -6.78 10.47 12.87
C MET A 393 -5.87 10.67 11.71
N ALA A 394 -5.06 9.62 11.41
CA ALA A 394 -4.17 9.51 10.25
C ALA A 394 -4.50 8.12 9.75
N ILE A 395 -5.12 8.05 8.54
CA ILE A 395 -5.64 6.82 7.96
C ILE A 395 -5.15 6.65 6.55
N SER A 396 -4.47 5.50 6.31
CA SER A 396 -3.92 5.17 5.00
C SER A 396 -4.27 3.71 4.72
N GLY A 397 -5.34 3.49 3.97
CA GLY A 397 -5.84 2.13 3.72
C GLY A 397 -6.19 1.48 5.06
N ASP A 398 -5.67 0.29 5.32
CA ASP A 398 -5.93 -0.38 6.61
C ASP A 398 -5.12 0.17 7.79
N ASP A 399 -4.13 1.06 7.52
CA ASP A 399 -3.30 1.63 8.59
C ASP A 399 -4.02 2.82 9.22
N CYS A 400 -4.12 2.83 10.53
CA CYS A 400 -4.75 3.92 11.27
C CYS A 400 -3.99 4.32 12.50
N VAL A 401 -4.11 5.60 12.84
CA VAL A 401 -3.63 6.18 14.09
C VAL A 401 -4.80 7.01 14.56
N VAL A 402 -5.25 6.77 15.79
CA VAL A 402 -6.41 7.49 16.31
C VAL A 402 -6.05 8.08 17.65
N LYS A 403 -6.34 9.39 17.89
CA LYS A 403 -6.16 10.00 19.21
C LYS A 403 -7.56 10.37 19.72
N PRO A 404 -8.27 9.45 20.41
CA PRO A 404 -9.66 9.74 20.86
C PRO A 404 -9.70 10.79 21.97
N ILE A 405 -10.90 11.28 22.33
CA ILE A 405 -11.04 12.33 23.36
C ILE A 405 -10.57 11.84 24.74
N ASP A 406 -10.52 10.51 24.98
CA ASP A 406 -10.06 9.91 26.26
C ASP A 406 -9.72 8.43 26.01
N ASP A 407 -9.39 7.67 27.05
CA ASP A 407 -8.98 6.29 26.82
C ASP A 407 -10.12 5.26 26.92
N ARG A 408 -11.41 5.71 26.98
CA ARG A 408 -12.52 4.73 26.94
C ARG A 408 -12.46 3.93 25.62
N PHE A 409 -11.92 4.56 24.54
CA PHE A 409 -11.66 3.97 23.22
C PHE A 409 -10.89 2.65 23.31
N ALA A 410 -9.92 2.53 24.25
CA ALA A 410 -9.11 1.31 24.41
C ALA A 410 -9.98 0.05 24.60
N ASN A 411 -11.08 0.20 25.35
CA ASN A 411 -12.00 -0.92 25.62
C ASN A 411 -13.32 -0.88 24.81
N ALA A 412 -13.39 0.00 23.80
CA ALA A 412 -14.56 0.15 22.94
C ALA A 412 -14.32 -0.78 21.76
N LEU A 413 -14.67 -2.06 21.92
CA LEU A 413 -14.40 -3.12 20.93
C LEU A 413 -15.61 -3.78 20.34
N LEU A 414 -16.80 -3.46 20.84
CA LEU A 414 -18.01 -4.17 20.39
C LEU A 414 -18.30 -3.94 18.91
N ALA A 415 -18.26 -2.67 18.48
CA ALA A 415 -18.54 -2.35 17.07
C ALA A 415 -17.40 -2.76 16.17
N LEU A 416 -16.14 -2.50 16.58
CA LEU A 416 -14.95 -2.84 15.78
C LEU A 416 -14.93 -4.35 15.45
N ASN A 417 -15.12 -5.21 16.46
CA ASN A 417 -15.16 -6.65 16.23
C ASN A 417 -16.38 -7.02 15.39
N ASP A 418 -17.54 -6.42 15.69
CA ASP A 418 -18.80 -6.71 14.98
C ASP A 418 -18.77 -6.31 13.48
N MET A 419 -18.08 -5.21 13.14
CA MET A 419 -17.91 -4.79 11.75
C MET A 419 -16.97 -5.76 10.99
N GLY A 420 -16.30 -6.66 11.71
CA GLY A 420 -15.39 -7.65 11.14
C GLY A 420 -13.94 -7.25 11.18
N LYS A 421 -13.64 -6.04 11.71
CA LYS A 421 -12.27 -5.53 11.73
C LYS A 421 -11.53 -5.97 13.02
N VAL A 422 -11.43 -7.29 13.16
CA VAL A 422 -10.78 -7.97 14.28
C VAL A 422 -9.28 -7.64 14.29
N ARG A 423 -8.77 -7.21 15.43
CA ARG A 423 -7.35 -6.83 15.54
C ARG A 423 -6.45 -8.05 15.47
N LYS A 424 -5.25 -7.87 14.89
CA LYS A 424 -4.27 -8.94 14.72
C LYS A 424 -3.59 -9.30 16.05
N ASP A 425 -3.35 -10.62 16.27
CA ASP A 425 -2.57 -11.18 17.40
C ASP A 425 -2.86 -10.59 18.78
N ILE A 426 -4.11 -10.63 19.19
CA ILE A 426 -4.57 -10.15 20.48
C ILE A 426 -5.94 -10.80 20.74
N PRO A 427 -6.25 -11.26 21.99
CA PRO A 427 -7.60 -11.78 22.25
C PRO A 427 -8.60 -10.71 21.87
N GLN A 428 -9.72 -11.13 21.33
CA GLN A 428 -10.76 -10.27 20.82
C GLN A 428 -11.24 -9.16 21.78
N TRP A 429 -11.36 -9.46 23.09
CA TRP A 429 -11.88 -8.52 24.11
C TRP A 429 -10.80 -7.89 25.00
N GLN A 430 -9.53 -8.17 24.70
CA GLN A 430 -8.42 -7.52 25.44
C GLN A 430 -8.32 -6.03 25.03
N PRO A 431 -8.27 -5.07 25.99
CA PRO A 431 -8.19 -3.64 25.61
C PRO A 431 -6.97 -3.32 24.76
N SER A 432 -7.11 -2.37 23.83
CA SER A 432 -5.98 -1.98 22.99
C SER A 432 -4.99 -1.22 23.83
N LYS A 433 -3.73 -1.34 23.50
CA LYS A 433 -2.69 -0.57 24.18
C LYS A 433 -2.33 0.60 23.26
N GLY A 434 -2.46 1.81 23.79
CA GLY A 434 -2.11 3.03 23.08
C GLY A 434 -0.78 3.61 23.54
N TRP A 435 -0.26 4.62 22.82
CA TRP A 435 1.00 5.29 23.14
C TRP A 435 0.80 6.70 23.54
N HIS A 436 1.59 7.11 24.55
CA HIS A 436 1.57 8.46 25.07
C HIS A 436 2.68 9.31 24.47
N ASP A 437 3.44 8.77 23.50
CA ASP A 437 4.49 9.47 22.73
C ASP A 437 4.30 9.10 21.25
N TRP A 438 4.03 10.10 20.39
CA TRP A 438 3.79 9.89 18.94
C TRP A 438 5.00 9.23 18.25
N GLN A 439 6.20 9.37 18.85
CA GLN A 439 7.45 8.79 18.32
C GLN A 439 7.47 7.28 18.50
N GLN A 440 6.61 6.73 19.37
CA GLN A 440 6.56 5.27 19.52
C GLN A 440 5.47 4.67 18.63
N VAL A 441 4.62 5.50 18.05
CA VAL A 441 3.47 5.04 17.24
C VAL A 441 3.89 4.41 15.91
N PRO A 442 3.47 3.12 15.64
CA PRO A 442 3.75 2.54 14.33
C PRO A 442 2.69 3.00 13.34
N PHE A 443 3.12 3.35 12.13
CA PHE A 443 2.22 3.76 11.07
C PHE A 443 2.94 3.59 9.76
N CYS A 444 2.30 2.88 8.81
CA CYS A 444 2.78 2.61 7.45
C CYS A 444 4.19 1.97 7.46
N SER A 445 4.40 0.96 8.34
CA SER A 445 5.69 0.23 8.47
C SER A 445 6.83 1.05 9.10
N HIS A 446 6.51 2.23 9.61
CA HIS A 446 7.53 3.10 10.20
C HIS A 446 7.13 3.64 11.58
N HIS A 447 8.09 4.27 12.23
CA HIS A 447 7.89 5.08 13.43
C HIS A 447 8.68 6.36 13.08
N PHE A 448 8.52 7.40 13.85
CA PHE A 448 9.15 8.66 13.45
C PHE A 448 9.89 9.31 14.60
N HIS A 449 11.09 9.85 14.34
CA HIS A 449 11.90 10.47 15.40
C HIS A 449 12.00 11.96 15.17
N GLU A 450 12.01 12.71 16.27
CA GLU A 450 12.28 14.14 16.19
C GLU A 450 13.78 14.32 16.41
N LEU A 451 14.48 14.99 15.46
CA LEU A 451 15.92 15.26 15.53
C LEU A 451 16.18 16.73 15.67
N ILE A 452 17.27 17.07 16.36
CA ILE A 452 17.71 18.47 16.52
C ILE A 452 18.96 18.62 15.66
N MET A 453 18.95 19.55 14.71
CA MET A 453 20.10 19.78 13.86
C MET A 453 21.15 20.60 14.66
N LYS A 454 22.43 20.58 14.25
CA LYS A 454 23.49 21.38 14.91
C LYS A 454 23.10 22.88 14.99
N ASP A 455 22.29 23.38 14.02
CA ASP A 455 21.84 24.78 14.02
C ASP A 455 20.58 25.02 14.86
N GLY A 456 20.15 24.02 15.63
CA GLY A 456 18.97 24.16 16.48
C GLY A 456 17.61 23.89 15.85
N ARG A 457 17.53 23.76 14.51
CA ARG A 457 16.23 23.47 13.88
C ARG A 457 15.84 21.99 14.09
N LYS A 458 14.55 21.69 14.14
CA LYS A 458 14.09 20.31 14.35
C LYS A 458 13.62 19.66 13.07
N LEU A 459 13.89 18.36 12.91
CA LEU A 459 13.44 17.56 11.76
C LEU A 459 12.62 16.38 12.32
N VAL A 460 11.63 15.90 11.57
CA VAL A 460 10.85 14.72 11.99
C VAL A 460 11.11 13.73 10.87
N VAL A 461 11.78 12.63 11.22
CA VAL A 461 12.27 11.68 10.22
C VAL A 461 11.61 10.31 10.29
N PRO A 462 11.48 9.64 9.14
CA PRO A 462 10.92 8.26 9.16
C PRO A 462 11.99 7.23 9.49
N CYS A 463 11.59 6.17 10.19
CA CYS A 463 12.56 5.15 10.59
C CYS A 463 11.85 3.80 10.70
N ARG A 464 12.62 2.73 10.60
CA ARG A 464 12.15 1.35 10.79
C ARG A 464 13.36 0.48 11.17
N PRO A 465 13.18 -0.80 11.64
CA PRO A 465 14.36 -1.63 11.97
C PRO A 465 15.27 -1.71 10.75
N GLN A 466 16.57 -1.41 10.93
CA GLN A 466 17.56 -1.31 9.84
C GLN A 466 17.70 -2.56 8.99
N ASP A 467 17.56 -3.75 9.60
CA ASP A 467 17.65 -5.02 8.86
C ASP A 467 16.62 -5.09 7.75
N GLU A 468 15.43 -4.48 7.95
CA GLU A 468 14.37 -4.48 6.94
C GLU A 468 14.79 -3.60 5.77
N LEU A 469 15.51 -2.50 6.05
CA LEU A 469 15.98 -1.58 4.99
C LEU A 469 17.09 -2.23 4.17
N ILE A 470 18.12 -2.79 4.85
CA ILE A 470 19.23 -3.50 4.20
C ILE A 470 18.73 -4.78 3.48
N GLY A 471 17.88 -5.59 4.13
CA GLY A 471 17.31 -6.79 3.52
C GLY A 471 16.57 -6.51 2.23
N ARG A 472 15.78 -5.44 2.16
CA ARG A 472 15.06 -5.07 0.95
C ARG A 472 15.99 -4.61 -0.17
N ALA A 473 17.01 -3.78 0.18
CA ALA A 473 17.96 -3.23 -0.82
C ALA A 473 18.80 -4.32 -1.45
N ARG A 474 18.99 -5.42 -0.74
CA ARG A 474 19.76 -6.56 -1.24
C ARG A 474 18.96 -7.44 -2.21
N ILE A 475 17.69 -7.10 -2.45
CA ILE A 475 16.84 -7.85 -3.36
C ILE A 475 16.72 -7.18 -4.72
N SER A 476 17.02 -7.91 -5.77
CA SER A 476 16.82 -7.43 -7.14
C SER A 476 15.54 -8.12 -7.61
N GLN A 477 14.63 -7.41 -8.29
CA GLN A 477 13.38 -8.03 -8.73
C GLN A 477 13.45 -8.59 -10.15
N GLY A 478 13.24 -9.90 -10.25
CA GLY A 478 13.28 -10.65 -11.50
C GLY A 478 14.59 -11.38 -11.73
N ALA A 479 14.95 -11.58 -13.02
CA ALA A 479 16.17 -12.26 -13.45
C ALA A 479 16.61 -11.80 -14.85
N GLY A 480 17.84 -12.15 -15.22
CA GLY A 480 18.42 -11.79 -16.51
C GLY A 480 18.80 -10.32 -16.59
N TRP A 481 19.15 -9.73 -15.44
CA TRP A 481 19.54 -8.34 -15.31
C TRP A 481 21.04 -8.20 -15.34
N SER A 482 21.52 -7.28 -16.20
CA SER A 482 22.94 -6.94 -16.34
C SER A 482 23.48 -6.30 -15.06
N LEU A 483 24.82 -6.23 -14.91
CA LEU A 483 25.46 -5.58 -13.78
C LEU A 483 25.07 -4.08 -13.73
N ARG A 484 24.84 -3.45 -14.90
CA ARG A 484 24.44 -2.05 -15.04
C ARG A 484 23.07 -1.82 -14.41
N GLU A 485 22.05 -2.65 -14.73
CA GLU A 485 20.69 -2.55 -14.20
C GLU A 485 20.68 -2.76 -12.66
N THR A 486 21.47 -3.75 -12.21
CA THR A 486 21.65 -4.13 -10.80
C THR A 486 22.31 -3.00 -10.01
N ALA A 487 23.39 -2.43 -10.59
CA ALA A 487 24.11 -1.31 -9.98
C ALA A 487 23.19 -0.10 -9.87
N CYS A 488 22.38 0.14 -10.90
CA CYS A 488 21.44 1.26 -10.96
C CYS A 488 20.29 1.13 -9.93
N LEU A 489 19.80 -0.09 -9.68
CA LEU A 489 18.78 -0.33 -8.66
C LEU A 489 19.41 -0.12 -7.28
N GLY A 490 20.66 -0.56 -7.12
CA GLY A 490 21.44 -0.36 -5.91
C GLY A 490 21.61 1.11 -5.62
N LYS A 491 21.92 1.90 -6.68
CA LYS A 491 22.05 3.37 -6.59
C LYS A 491 20.72 3.99 -6.14
N ALA A 492 19.58 3.49 -6.65
CA ALA A 492 18.22 3.93 -6.27
C ALA A 492 18.01 3.74 -4.77
N TYR A 493 18.37 2.53 -4.24
CA TYR A 493 18.26 2.25 -2.82
C TYR A 493 19.11 3.17 -1.99
N ALA A 494 20.39 3.35 -2.40
CA ALA A 494 21.37 4.24 -1.73
C ALA A 494 20.82 5.66 -1.63
N GLN A 495 20.30 6.17 -2.77
CA GLN A 495 19.78 7.54 -2.83
C GLN A 495 18.49 7.68 -2.04
N MET A 496 17.67 6.60 -1.95
CA MET A 496 16.47 6.66 -1.10
C MET A 496 16.91 6.80 0.38
N TRP A 497 17.97 6.04 0.79
CA TRP A 497 18.54 6.11 2.14
C TRP A 497 19.10 7.50 2.41
N SER A 498 19.76 8.14 1.40
CA SER A 498 20.28 9.51 1.57
C SER A 498 19.16 10.49 1.86
N LEU A 499 17.97 10.28 1.26
CA LEU A 499 16.87 11.23 1.44
CA LEU A 499 16.85 11.21 1.42
C LEU A 499 15.94 10.93 2.60
N MET A 500 15.66 9.67 2.87
CA MET A 500 14.74 9.32 3.95
C MET A 500 15.40 8.80 5.21
N TYR A 501 16.51 8.07 5.05
CA TYR A 501 17.13 7.38 6.18
C TYR A 501 18.59 7.77 6.41
N PHE A 502 18.94 9.03 6.07
CA PHE A 502 20.30 9.63 6.19
C PHE A 502 20.73 9.66 7.67
N HIS A 503 19.74 9.62 8.60
CA HIS A 503 19.90 9.72 10.04
C HIS A 503 20.39 8.40 10.66
N ARG A 504 20.54 7.34 9.85
CA ARG A 504 21.01 6.04 10.27
C ARG A 504 22.47 5.95 9.81
N ARG A 505 23.43 5.89 10.76
CA ARG A 505 24.87 5.88 10.46
C ARG A 505 25.28 4.86 9.43
N ASP A 506 24.83 3.59 9.59
CA ASP A 506 25.17 2.50 8.67
C ASP A 506 24.65 2.71 7.26
N LEU A 507 23.47 3.31 7.14
CA LEU A 507 22.84 3.56 5.82
C LEU A 507 23.50 4.76 5.15
N ARG A 508 23.92 5.79 5.90
CA ARG A 508 24.64 6.88 5.23
C ARG A 508 25.97 6.37 4.69
N LEU A 509 26.68 5.55 5.49
CA LEU A 509 27.96 4.95 5.09
C LEU A 509 27.74 4.04 3.87
N ALA A 510 26.82 3.03 3.96
CA ALA A 510 26.54 2.15 2.82
C ALA A 510 26.09 2.92 1.57
N SER A 511 25.26 3.98 1.74
CA SER A 511 24.76 4.83 0.65
C SER A 511 25.94 5.51 -0.11
N ASN A 512 26.85 6.14 0.65
CA ASN A 512 28.08 6.77 0.15
C ASN A 512 28.95 5.74 -0.59
N ALA A 513 29.07 4.50 -0.06
CA ALA A 513 29.82 3.39 -0.67
C ALA A 513 29.23 2.96 -2.00
N ILE A 514 27.88 2.74 -2.05
CA ILE A 514 27.16 2.37 -3.28
C ILE A 514 27.32 3.45 -4.36
N CYS A 515 27.09 4.72 -4.00
CA CYS A 515 27.19 5.85 -4.92
C CYS A 515 28.63 6.11 -5.39
N SER A 516 29.63 5.67 -4.62
CA SER A 516 31.03 5.77 -4.98
C SER A 516 31.41 4.64 -5.96
N ALA A 517 30.77 3.46 -5.83
CA ALA A 517 31.00 2.27 -6.65
C ALA A 517 30.27 2.28 -8.00
N VAL A 518 29.18 3.08 -8.12
CA VAL A 518 28.37 3.15 -9.34
C VAL A 518 28.71 4.43 -10.15
N PRO A 519 28.88 4.34 -11.50
CA PRO A 519 29.18 5.56 -12.27
C PRO A 519 28.17 6.70 -12.04
N VAL A 520 28.68 7.92 -11.74
CA VAL A 520 27.91 9.15 -11.45
C VAL A 520 26.79 9.44 -12.41
N HIS A 521 27.01 9.17 -13.71
CA HIS A 521 26.05 9.52 -14.77
C HIS A 521 24.99 8.46 -15.02
N TRP A 522 25.13 7.27 -14.41
CA TRP A 522 24.13 6.21 -14.54
C TRP A 522 22.90 6.59 -13.72
N VAL A 523 21.76 6.58 -14.40
CA VAL A 523 20.49 6.98 -13.82
C VAL A 523 19.91 5.82 -13.02
N PRO A 524 19.50 6.02 -11.75
CA PRO A 524 18.86 4.92 -11.00
C PRO A 524 17.65 4.41 -11.79
N THR A 525 17.52 3.08 -11.89
CA THR A 525 16.43 2.47 -12.64
C THR A 525 15.56 1.62 -11.74
N SER A 526 14.46 1.11 -12.29
CA SER A 526 13.44 0.30 -11.62
C SER A 526 12.87 1.12 -10.43
N ARG A 527 12.42 0.48 -9.36
CA ARG A 527 11.88 1.22 -8.23
C ARG A 527 12.25 0.53 -6.93
N THR A 528 12.41 1.31 -5.88
CA THR A 528 12.79 0.76 -4.58
C THR A 528 11.57 0.27 -3.81
N THR A 529 10.37 0.79 -4.17
CA THR A 529 9.09 0.53 -3.51
C THR A 529 7.90 0.93 -4.41
N TRP A 530 6.75 0.27 -4.19
CA TRP A 530 5.49 0.56 -4.89
C TRP A 530 4.58 1.37 -3.99
N SER A 531 5.05 1.72 -2.78
CA SER A 531 4.28 2.47 -1.78
C SER A 531 3.69 3.76 -2.35
N ILE A 532 2.43 4.05 -1.97
CA ILE A 532 1.73 5.28 -2.35
C ILE A 532 2.41 6.49 -1.70
N HIS A 533 3.17 6.22 -0.62
CA HIS A 533 3.88 7.25 0.15
C HIS A 533 5.25 7.60 -0.43
N ALA A 534 5.68 6.91 -1.47
CA ALA A 534 6.97 7.13 -2.13
C ALA A 534 6.82 8.10 -3.28
N HIS A 535 7.60 9.19 -3.27
CA HIS A 535 7.55 10.17 -4.35
C HIS A 535 8.77 10.07 -5.25
N HIS A 536 9.70 9.15 -4.93
CA HIS A 536 10.83 8.80 -5.77
C HIS A 536 11.77 9.96 -6.14
N GLN A 537 11.99 10.90 -5.22
CA GLN A 537 12.90 12.04 -5.40
C GLN A 537 14.36 11.57 -5.58
N TRP A 538 14.65 10.29 -5.25
CA TRP A 538 15.99 9.67 -5.37
C TRP A 538 16.29 9.07 -6.77
N MET A 539 15.28 9.08 -7.64
CA MET A 539 15.37 8.54 -8.99
C MET A 539 15.93 9.67 -9.88
N THR A 540 17.18 10.04 -9.63
CA THR A 540 17.81 11.17 -10.29
C THR A 540 19.34 11.05 -10.28
N THR A 541 20.02 11.95 -11.00
CA THR A 541 21.49 12.05 -10.98
C THR A 541 21.85 13.41 -10.44
N GLU A 542 20.83 14.15 -9.98
CA GLU A 542 21.03 15.43 -9.34
C GLU A 542 21.73 15.14 -8.02
N ASP A 543 22.55 16.11 -7.53
CA ASP A 543 23.27 16.06 -6.27
C ASP A 543 22.26 15.74 -5.13
N MET A 544 22.50 14.66 -4.35
CA MET A 544 21.59 14.24 -3.25
C MET A 544 21.45 15.27 -2.13
N LEU A 545 22.49 16.07 -1.87
CA LEU A 545 22.39 17.15 -0.86
C LEU A 545 21.44 18.27 -1.34
N THR A 546 21.42 18.54 -2.67
CA THR A 546 20.54 19.53 -3.30
C THR A 546 19.08 19.08 -3.12
N VAL A 547 18.82 17.81 -3.46
CA VAL A 547 17.52 17.16 -3.34
C VAL A 547 17.12 17.13 -1.84
N TRP A 548 18.08 16.78 -0.95
CA TRP A 548 17.82 16.73 0.49
C TRP A 548 17.29 18.10 0.94
N ASN A 549 17.98 19.20 0.53
CA ASN A 549 17.60 20.57 0.88
C ASN A 549 16.24 20.95 0.39
N ARG A 550 15.90 20.52 -0.82
CA ARG A 550 14.60 20.80 -1.43
C ARG A 550 13.49 20.14 -0.60
N VAL A 551 13.64 18.85 -0.31
CA VAL A 551 12.64 18.07 0.44
C VAL A 551 12.51 18.52 1.89
N TRP A 552 13.63 18.56 2.65
CA TRP A 552 13.60 18.81 4.08
C TRP A 552 13.60 20.26 4.52
N ILE A 553 14.04 21.16 3.62
CA ILE A 553 14.12 22.58 3.95
C ILE A 553 13.14 23.40 3.11
N GLU A 554 13.45 23.63 1.82
CA GLU A 554 12.62 24.49 0.95
C GLU A 554 11.15 24.16 0.92
N GLU A 555 10.81 22.92 0.54
CA GLU A 555 9.43 22.50 0.35
C GLU A 555 8.75 21.99 1.60
N ASN A 556 9.50 21.88 2.72
CA ASN A 556 8.99 21.37 3.99
C ASN A 556 8.13 22.42 4.70
N PRO A 557 6.79 22.24 4.79
CA PRO A 557 5.96 23.25 5.48
C PRO A 557 6.17 23.35 6.98
N TRP A 558 6.82 22.35 7.61
CA TRP A 558 7.10 22.39 9.04
C TRP A 558 8.54 22.93 9.27
N MET A 559 9.18 23.49 8.24
CA MET A 559 10.52 24.07 8.37
C MET A 559 10.34 25.57 8.06
N GLU A 560 10.17 26.39 9.11
CA GLU A 560 9.93 27.84 9.01
C GLU A 560 11.17 28.57 8.49
N ASP A 561 12.36 28.16 8.96
CA ASP A 561 13.63 28.70 8.56
C ASP A 561 14.17 27.95 7.34
N LYS A 562 14.24 28.65 6.20
CA LYS A 562 14.65 28.06 4.92
C LYS A 562 16.13 28.11 4.62
N THR A 563 16.95 28.33 5.64
CA THR A 563 18.41 28.39 5.48
C THR A 563 18.89 27.04 4.96
N PRO A 564 19.57 26.99 3.80
CA PRO A 564 20.03 25.70 3.30
C PRO A 564 21.13 25.07 4.15
N VAL A 565 21.20 23.75 4.12
CA VAL A 565 22.25 22.99 4.78
C VAL A 565 23.30 22.85 3.67
N THR A 566 24.54 23.31 3.91
CA THR A 566 25.56 23.33 2.85
C THR A 566 26.48 22.12 2.80
N THR A 567 26.38 21.25 3.80
CA THR A 567 27.24 20.06 3.89
C THR A 567 26.49 18.91 4.59
N TRP A 568 26.82 17.65 4.25
CA TRP A 568 26.26 16.44 4.89
C TRP A 568 26.66 16.40 6.35
N GLU A 569 27.76 17.13 6.71
CA GLU A 569 28.24 17.29 8.07
C GLU A 569 27.17 17.95 8.93
N ASN A 570 26.31 18.76 8.31
CA ASN A 570 25.23 19.46 9.02
C ASN A 570 23.87 18.74 8.89
N VAL A 571 23.86 17.55 8.26
CA VAL A 571 22.64 16.72 8.12
C VAL A 571 22.71 15.75 9.31
N PRO A 572 21.74 15.81 10.25
CA PRO A 572 21.86 15.04 11.48
C PRO A 572 21.67 13.53 11.39
N TYR A 573 22.17 12.87 12.42
CA TYR A 573 22.01 11.45 12.65
C TYR A 573 21.09 11.31 13.85
N LEU A 574 20.50 10.12 14.02
CA LEU A 574 19.79 9.81 15.27
C LEU A 574 20.84 9.84 16.35
N GLY A 575 20.45 10.01 17.61
CA GLY A 575 21.36 9.86 18.73
C GLY A 575 21.88 8.43 18.64
N LYS A 576 23.14 8.19 19.02
CA LYS A 576 23.75 6.87 18.88
C LYS A 576 22.91 5.73 19.54
N ARG A 577 22.35 5.99 20.73
CA ARG A 577 21.53 5.00 21.42
C ARG A 577 20.25 4.64 20.63
N GLU A 578 19.55 5.65 20.06
CA GLU A 578 18.36 5.43 19.21
C GLU A 578 18.74 4.64 17.95
N ASP A 579 19.88 5.00 17.32
CA ASP A 579 20.34 4.32 16.11
C ASP A 579 20.51 2.83 16.44
N GLN A 580 21.16 2.53 17.59
CA GLN A 580 21.36 1.16 18.08
C GLN A 580 20.04 0.47 18.40
N TRP A 581 19.12 1.16 19.11
CA TRP A 581 17.79 0.59 19.42
C TRP A 581 17.04 0.24 18.13
N CYS A 582 17.29 1.01 17.05
CA CYS A 582 16.64 0.73 15.78
C CYS A 582 17.49 -0.12 14.82
N GLY A 583 18.46 -0.84 15.35
CA GLY A 583 19.16 -1.84 14.56
C GLY A 583 20.56 -1.58 14.09
N SER A 584 21.15 -0.40 14.39
CA SER A 584 22.52 -0.07 13.97
C SER A 584 23.52 -1.07 14.49
N LEU A 585 24.55 -1.37 13.66
CA LEU A 585 25.66 -2.21 14.08
C LEU A 585 26.83 -1.35 14.59
N ILE A 586 26.63 -0.03 14.75
CA ILE A 586 27.66 0.87 15.28
C ILE A 586 28.06 0.40 16.67
N GLY A 587 29.37 0.40 16.92
CA GLY A 587 29.93 -0.04 18.20
C GLY A 587 30.38 -1.49 18.16
N LEU A 588 30.10 -2.22 17.05
CA LEU A 588 30.52 -3.60 16.85
C LEU A 588 31.81 -3.59 16.04
N THR A 589 32.66 -4.61 16.26
CA THR A 589 33.95 -4.77 15.62
C THR A 589 33.80 -5.06 14.13
N SER A 590 32.90 -6.02 13.76
CA SER A 590 32.62 -6.38 12.36
C SER A 590 32.26 -5.14 11.52
N ARG A 591 31.50 -4.20 12.14
CA ARG A 591 31.06 -2.93 11.56
C ARG A 591 32.25 -1.97 11.41
N ALA A 592 33.11 -1.86 12.46
CA ALA A 592 34.32 -1.01 12.45
C ALA A 592 35.29 -1.49 11.36
N THR A 593 35.40 -2.81 11.17
CA THR A 593 36.22 -3.46 10.14
C THR A 593 35.67 -3.17 8.72
N TRP A 594 34.33 -3.22 8.57
CA TRP A 594 33.66 -2.95 7.31
C TRP A 594 33.86 -1.49 6.89
N ALA A 595 33.66 -0.56 7.83
CA ALA A 595 33.81 0.88 7.63
C ALA A 595 35.25 1.22 7.21
N GLN A 596 36.23 0.59 7.89
CA GLN A 596 37.67 0.73 7.68
C GLN A 596 38.07 0.26 6.26
N ASN A 597 37.56 -0.90 5.86
CA ASN A 597 37.90 -1.56 4.61
C ASN A 597 36.91 -1.34 3.46
N ILE A 598 35.96 -0.37 3.60
CA ILE A 598 34.97 -0.09 2.55
C ILE A 598 35.62 0.45 1.25
N PRO A 599 36.72 1.28 1.23
CA PRO A 599 37.28 1.71 -0.07
C PRO A 599 37.75 0.55 -0.95
N THR A 600 38.11 -0.59 -0.33
CA THR A 600 38.54 -1.81 -1.01
C THR A 600 37.37 -2.46 -1.73
N ALA A 601 36.20 -2.60 -1.06
CA ALA A 601 35.02 -3.20 -1.68
C ALA A 601 34.48 -2.33 -2.82
N ILE A 602 34.49 -0.99 -2.64
CA ILE A 602 34.08 0.00 -3.66
C ILE A 602 34.95 -0.22 -4.92
N GLN A 603 36.28 -0.35 -4.72
CA GLN A 603 37.27 -0.56 -5.78
C GLN A 603 37.03 -1.86 -6.53
N GLN A 604 36.64 -2.92 -5.81
CA GLN A 604 36.31 -4.20 -6.42
C GLN A 604 35.10 -4.09 -7.36
N VAL A 605 34.04 -3.38 -6.91
CA VAL A 605 32.82 -3.17 -7.70
C VAL A 605 33.20 -2.34 -8.95
N ARG A 606 33.94 -1.25 -8.76
CA ARG A 606 34.44 -0.37 -9.81
C ARG A 606 35.22 -1.15 -10.88
N SER A 607 36.17 -1.99 -10.46
CA SER A 607 36.97 -2.77 -11.39
C SER A 607 36.12 -3.74 -12.23
N LEU A 608 34.97 -4.21 -11.70
CA LEU A 608 34.10 -5.11 -12.45
C LEU A 608 33.13 -4.39 -13.34
N ILE A 609 32.75 -3.15 -12.98
CA ILE A 609 31.88 -2.29 -13.79
C ILE A 609 32.70 -1.83 -15.01
N GLY A 610 33.95 -1.45 -14.80
CA GLY A 610 34.83 -1.03 -15.88
C GLY A 610 35.33 0.39 -15.83
N ASN A 611 35.79 0.89 -16.99
CA ASN A 611 36.39 2.21 -17.19
C ASN A 611 35.32 3.30 -17.35
N GLU A 612 34.67 3.63 -16.24
CA GLU A 612 33.61 4.63 -16.21
C GLU A 612 34.03 5.78 -15.27
N GLU A 613 33.23 6.84 -15.22
CA GLU A 613 33.49 7.98 -14.35
C GLU A 613 32.88 7.70 -12.97
N PHE A 614 33.69 7.74 -11.92
CA PHE A 614 33.22 7.50 -10.56
C PHE A 614 33.61 8.65 -9.65
N LEU A 615 32.79 8.93 -8.65
CA LEU A 615 33.06 9.98 -7.68
C LEU A 615 33.24 9.36 -6.30
N ASP A 616 34.28 9.77 -5.57
CA ASP A 616 34.55 9.24 -4.23
C ASP A 616 33.75 10.07 -3.22
N TYR A 617 32.80 9.41 -2.53
CA TYR A 617 31.94 10.06 -1.54
C TYR A 617 32.42 9.85 -0.10
N MET A 618 33.38 8.92 0.12
CA MET A 618 33.92 8.63 1.45
C MET A 618 34.88 9.74 1.89
#